data_2XE1
#
_entry.id   2XE1
#
_cell.length_a   120.400
_cell.length_b   120.400
_cell.length_c   158.100
_cell.angle_alpha   90.00
_cell.angle_beta   90.00
_cell.angle_gamma   120.00
#
_symmetry.space_group_name_H-M   'P 63 2 2'
#
loop_
_entity.id
_entity.type
_entity.pdbx_description
1 polymer 'OUTER MEMBRANE PROTEIN C'
2 non-polymer DECANE
3 non-polymer HEXANE
4 water water
#
_entity_poly.entity_id   1
_entity_poly.type   'polypeptide(L)'
_entity_poly.pdbx_seq_one_letter_code
;AEVYNKDGNKLDLYGKVDGLHYFSDDKSVDGDQTYMRLGFKGETQVTDQLTGYGQWEYQIQGNAPESENNSWTRVAFAGL
KFQDIGSFDYGRNYGVVYDVTSWTDVLPEFGGDTYGSDNFMQQRGNGFATYRNTDFFGLVDGLNFAVQYQGQNGSVSGEN
DPDFTGHGITNNGRKALRQNGDGVGGSITYDYEGFGVGAAVSSSKRTWDQNNTGLIGTGDRAETYTGGLKYDANNIYLAA
QYTQTYNATRVGSLGWANKAQNFEAVAQYQFDFGLRPSVAYLQSKGKNLGVVAGRNYDDEDILKYVDVGATYYFNKNMST
YVDYKINLLDDNQFTRAAGINTDDIVALGLVYQF
;
_entity_poly.pdbx_strand_id   A
#
loop_
_chem_comp.id
_chem_comp.type
_chem_comp.name
_chem_comp.formula
D10 non-polymer DECANE 'C10 H22'
HEX non-polymer HEXANE 'C6 H14'
#
# COMPACT_ATOMS: atom_id res chain seq x y z
N ALA A 1 -4.28 -22.29 -0.72
CA ALA A 1 -4.01 -23.75 -0.82
C ALA A 1 -3.80 -24.17 -2.27
N GLU A 2 -2.87 -25.09 -2.48
CA GLU A 2 -2.59 -25.62 -3.81
C GLU A 2 -3.66 -26.64 -4.19
N VAL A 3 -4.60 -26.22 -5.03
CA VAL A 3 -5.73 -27.08 -5.44
C VAL A 3 -5.48 -27.81 -6.76
N TYR A 4 -4.36 -27.50 -7.43
CA TYR A 4 -4.05 -28.11 -8.73
C TYR A 4 -2.54 -28.04 -9.00
N ASN A 5 -1.98 -29.15 -9.46
CA ASN A 5 -0.56 -29.23 -9.79
C ASN A 5 -0.31 -30.39 -10.74
N LYS A 6 -0.38 -30.11 -12.05
CA LYS A 6 -0.32 -31.13 -13.07
C LYS A 6 0.05 -30.54 -14.43
N ASP A 7 0.77 -31.32 -15.25
CA ASP A 7 1.16 -30.92 -16.61
C ASP A 7 1.85 -29.54 -16.65
N GLY A 8 2.84 -29.36 -15.77
CA GLY A 8 3.61 -28.12 -15.72
C GLY A 8 2.82 -26.87 -15.38
N ASN A 9 1.71 -27.01 -14.67
CA ASN A 9 0.94 -25.86 -14.19
C ASN A 9 0.36 -26.13 -12.80
N LYS A 10 0.50 -25.16 -11.91
CA LYS A 10 -0.08 -25.26 -10.58
C LYS A 10 -0.87 -24.00 -10.22
N LEU A 11 -1.90 -24.19 -9.40
CA LEU A 11 -2.77 -23.10 -8.99
C LEU A 11 -2.93 -23.10 -7.48
N ASP A 12 -2.60 -21.97 -6.86
CA ASP A 12 -2.82 -21.74 -5.44
C ASP A 12 -4.08 -20.89 -5.29
N LEU A 13 -5.14 -21.51 -4.76
CA LEU A 13 -6.38 -20.79 -4.47
C LEU A 13 -6.38 -20.41 -2.99
N TYR A 14 -6.16 -19.13 -2.71
CA TYR A 14 -5.99 -18.66 -1.34
C TYR A 14 -7.03 -17.61 -0.97
N GLY A 15 -7.12 -17.34 0.33
CA GLY A 15 -8.05 -16.34 0.84
C GLY A 15 -8.10 -16.31 2.36
N LYS A 16 -8.88 -15.38 2.89
CA LYS A 16 -9.09 -15.31 4.34
C LYS A 16 -10.43 -14.66 4.69
N VAL A 17 -10.96 -15.03 5.85
CA VAL A 17 -12.12 -14.38 6.41
C VAL A 17 -11.69 -13.78 7.75
N ASP A 18 -11.80 -12.46 7.86
CA ASP A 18 -11.40 -11.74 9.06
C ASP A 18 -12.65 -11.20 9.75
N GLY A 19 -13.07 -11.87 10.81
CA GLY A 19 -14.11 -11.36 11.70
C GLY A 19 -13.53 -10.23 12.53
N LEU A 20 -13.89 -9.01 12.18
CA LEU A 20 -13.18 -7.81 12.64
C LEU A 20 -14.14 -6.75 13.17
N HIS A 21 -13.79 -6.16 14.32
CA HIS A 21 -14.60 -5.11 14.92
C HIS A 21 -13.72 -3.97 15.41
N TYR A 22 -14.13 -2.74 15.09
CA TYR A 22 -13.44 -1.53 15.53
C TYR A 22 -14.23 -0.89 16.66
N PHE A 23 -13.52 -0.46 17.70
CA PHE A 23 -14.11 0.36 18.77
C PHE A 23 -13.46 1.73 18.70
N SER A 24 -14.27 2.77 18.50
CA SER A 24 -13.74 4.13 18.39
C SER A 24 -14.82 5.18 18.64
N ASP A 25 -14.40 6.33 19.17
CA ASP A 25 -15.28 7.50 19.25
C ASP A 25 -15.55 8.04 17.85
N ASP A 26 -14.62 7.81 16.91
CA ASP A 26 -14.83 8.16 15.51
C ASP A 26 -15.85 7.18 14.93
N LYS A 27 -17.09 7.66 14.79
CA LYS A 27 -18.19 6.81 14.37
C LYS A 27 -18.11 6.41 12.90
N SER A 28 -17.31 7.11 12.10
CA SER A 28 -17.12 6.73 10.70
C SER A 28 -16.20 5.51 10.52
N VAL A 29 -15.52 5.09 11.60
CA VAL A 29 -14.75 3.84 11.60
C VAL A 29 -15.22 2.82 12.64
N ASP A 30 -16.01 3.26 13.62
CA ASP A 30 -16.54 2.40 14.67
C ASP A 30 -17.45 1.30 14.11
N GLY A 31 -17.44 0.12 14.75
CA GLY A 31 -18.39 -0.95 14.46
C GLY A 31 -17.81 -2.16 13.72
N ASP A 32 -18.69 -2.89 13.06
CA ASP A 32 -18.30 -4.10 12.35
C ASP A 32 -17.47 -3.79 11.11
N GLN A 33 -16.31 -4.43 11.01
CA GLN A 33 -15.38 -4.25 9.89
C GLN A 33 -15.06 -5.57 9.19
N THR A 34 -15.86 -6.60 9.46
CA THR A 34 -15.66 -7.93 8.87
C THR A 34 -15.45 -7.85 7.36
N TYR A 35 -14.47 -8.58 6.87
CA TYR A 35 -14.22 -8.67 5.44
C TYR A 35 -13.56 -9.99 5.08
N MET A 36 -13.45 -10.24 3.78
CA MET A 36 -12.75 -11.42 3.29
C MET A 36 -11.93 -11.09 2.07
N ARG A 37 -10.87 -11.88 1.85
CA ARG A 37 -10.10 -11.80 0.63
C ARG A 37 -10.09 -13.15 -0.06
N LEU A 38 -10.03 -13.11 -1.39
CA LEU A 38 -9.98 -14.29 -2.22
C LEU A 38 -8.99 -14.00 -3.34
N GLY A 39 -8.21 -15.01 -3.73
CA GLY A 39 -7.25 -14.83 -4.82
C GLY A 39 -6.70 -16.12 -5.35
N PHE A 40 -5.95 -16.01 -6.46
CA PHE A 40 -5.17 -17.14 -6.96
C PHE A 40 -3.79 -16.71 -7.43
N LYS A 41 -2.81 -17.56 -7.15
CA LYS A 41 -1.48 -17.46 -7.76
C LYS A 41 -1.35 -18.67 -8.66
N GLY A 42 -1.17 -18.43 -9.95
CA GLY A 42 -0.97 -19.48 -10.93
C GLY A 42 0.42 -19.39 -11.52
N GLU A 43 1.05 -20.54 -11.75
CA GLU A 43 2.41 -20.60 -12.25
C GLU A 43 2.57 -21.80 -13.19
N THR A 44 3.03 -21.55 -14.40
CA THR A 44 3.27 -22.60 -15.39
C THR A 44 4.74 -22.65 -15.76
N GLN A 45 5.27 -23.87 -15.90
CA GLN A 45 6.67 -24.10 -16.26
C GLN A 45 6.76 -24.29 -17.78
N VAL A 46 7.29 -23.29 -18.47
CA VAL A 46 7.36 -23.31 -19.94
C VAL A 46 8.57 -24.12 -20.39
N THR A 47 9.75 -23.72 -19.89
CA THR A 47 10.98 -24.47 -20.06
C THR A 47 11.62 -24.59 -18.66
N ASP A 48 12.80 -25.20 -18.60
CA ASP A 48 13.56 -25.26 -17.36
C ASP A 48 13.86 -23.87 -16.81
N GLN A 49 14.10 -22.91 -17.70
CA GLN A 49 14.46 -21.55 -17.31
C GLN A 49 13.28 -20.56 -17.30
N LEU A 50 12.29 -20.78 -18.17
CA LEU A 50 11.19 -19.82 -18.34
C LEU A 50 9.93 -20.24 -17.59
N THR A 51 9.43 -19.35 -16.73
CA THR A 51 8.18 -19.54 -16.01
C THR A 51 7.16 -18.47 -16.43
N GLY A 52 5.91 -18.89 -16.61
CA GLY A 52 4.80 -17.97 -16.82
C GLY A 52 3.98 -17.92 -15.55
N TYR A 53 3.39 -16.77 -15.25
CA TYR A 53 2.58 -16.65 -14.04
C TYR A 53 1.48 -15.60 -14.13
N GLY A 54 0.49 -15.75 -13.27
CA GLY A 54 -0.63 -14.82 -13.17
C GLY A 54 -1.14 -14.79 -11.74
N GLN A 55 -1.53 -13.61 -11.28
CA GLN A 55 -2.06 -13.47 -9.93
C GLN A 55 -3.22 -12.48 -9.89
N TRP A 56 -4.19 -12.79 -9.04
CA TRP A 56 -5.38 -11.98 -8.88
C TRP A 56 -5.80 -12.04 -7.41
N GLU A 57 -6.23 -10.90 -6.87
CA GLU A 57 -6.66 -10.82 -5.49
C GLU A 57 -7.83 -9.84 -5.36
N TYR A 58 -8.84 -10.26 -4.61
CA TYR A 58 -10.11 -9.56 -4.55
C TYR A 58 -10.49 -9.42 -3.08
N GLN A 59 -10.95 -8.23 -2.69
CA GLN A 59 -11.49 -8.02 -1.35
C GLN A 59 -13.00 -7.84 -1.46
N ILE A 60 -13.72 -8.47 -0.55
CA ILE A 60 -15.16 -8.38 -0.48
C ILE A 60 -15.56 -8.06 0.96
N GLN A 61 -16.19 -6.92 1.17
CA GLN A 61 -16.56 -6.48 2.51
C GLN A 61 -17.64 -7.38 3.08
N GLY A 62 -17.51 -7.69 4.37
CA GLY A 62 -18.44 -8.55 5.09
C GLY A 62 -19.29 -7.80 6.10
N ASN A 63 -19.20 -6.47 6.07
CA ASN A 63 -19.91 -5.62 7.03
C ASN A 63 -21.11 -4.87 6.45
N ALA A 64 -21.50 -5.19 5.22
CA ALA A 64 -22.60 -4.51 4.54
C ALA A 64 -23.86 -5.36 4.50
N PRO A 65 -25.03 -4.71 4.34
CA PRO A 65 -26.26 -5.47 4.14
C PRO A 65 -26.30 -6.07 2.73
N GLU A 66 -27.20 -7.02 2.51
CA GLU A 66 -27.31 -7.68 1.21
C GLU A 66 -27.91 -6.80 0.11
N SER A 67 -28.42 -5.63 0.49
CA SER A 67 -28.90 -4.65 -0.47
C SER A 67 -27.77 -3.92 -1.21
N GLU A 68 -26.52 -4.13 -0.78
CA GLU A 68 -25.38 -3.56 -1.48
C GLU A 68 -24.20 -4.53 -1.55
N ASN A 69 -23.20 -4.15 -2.34
CA ASN A 69 -21.99 -4.92 -2.50
C ASN A 69 -20.79 -4.00 -2.58
N ASN A 70 -19.87 -4.13 -1.63
CA ASN A 70 -18.64 -3.34 -1.61
C ASN A 70 -17.44 -4.28 -1.79
N SER A 71 -16.93 -4.35 -3.02
CA SER A 71 -15.81 -5.23 -3.34
C SER A 71 -14.90 -4.58 -4.35
N TRP A 72 -13.67 -5.08 -4.46
CA TRP A 72 -12.70 -4.51 -5.41
C TRP A 72 -11.51 -5.43 -5.67
N THR A 73 -10.88 -5.24 -6.82
CA THR A 73 -9.65 -5.94 -7.16
C THR A 73 -8.48 -5.20 -6.53
N ARG A 74 -7.66 -5.92 -5.79
CA ARG A 74 -6.44 -5.36 -5.22
C ARG A 74 -5.31 -5.49 -6.24
N VAL A 75 -5.10 -6.69 -6.76
CA VAL A 75 -4.10 -6.92 -7.81
C VAL A 75 -4.63 -7.86 -8.89
N ALA A 76 -4.14 -7.66 -10.11
CA ALA A 76 -4.50 -8.50 -11.25
C ALA A 76 -3.44 -8.33 -12.32
N PHE A 77 -2.51 -9.27 -12.40
CA PHE A 77 -1.40 -9.17 -13.35
C PHE A 77 -0.93 -10.52 -13.87
N ALA A 78 -0.28 -10.47 -15.04
CA ALA A 78 0.32 -11.63 -15.67
C ALA A 78 1.77 -11.30 -15.97
N GLY A 79 2.62 -12.32 -16.05
CA GLY A 79 4.04 -12.09 -16.27
C GLY A 79 4.88 -13.29 -16.66
N LEU A 80 6.15 -13.02 -16.94
CA LEU A 80 7.13 -14.02 -17.35
C LEU A 80 8.39 -13.87 -16.50
N LYS A 81 8.96 -15.00 -16.09
CA LYS A 81 10.18 -15.03 -15.30
C LYS A 81 11.19 -15.95 -15.96
N PHE A 82 12.37 -15.41 -16.28
CA PHE A 82 13.46 -16.20 -16.84
C PHE A 82 14.61 -16.26 -15.83
N GLN A 83 15.09 -17.47 -15.55
CA GLN A 83 16.15 -17.70 -14.55
C GLN A 83 17.38 -16.82 -14.78
N ASP A 84 17.77 -16.08 -13.73
CA ASP A 84 18.97 -15.24 -13.73
C ASP A 84 18.98 -14.12 -14.78
N ILE A 85 17.80 -13.74 -15.27
CA ILE A 85 17.66 -12.62 -16.21
C ILE A 85 16.66 -11.59 -15.67
N GLY A 86 15.58 -12.08 -15.05
CA GLY A 86 14.61 -11.22 -14.39
C GLY A 86 13.18 -11.61 -14.70
N SER A 87 12.25 -10.89 -14.10
CA SER A 87 10.83 -11.10 -14.35
C SER A 87 10.19 -9.83 -14.90
N PHE A 88 9.17 -9.99 -15.72
CA PHE A 88 8.37 -8.87 -16.21
C PHE A 88 6.90 -9.20 -16.04
N ASP A 89 6.15 -8.31 -15.39
CA ASP A 89 4.70 -8.46 -15.29
C ASP A 89 3.97 -7.14 -15.54
N TYR A 90 2.72 -7.26 -16.00
CA TYR A 90 1.89 -6.09 -16.27
C TYR A 90 0.47 -6.31 -15.75
N GLY A 91 -0.14 -5.24 -15.27
CA GLY A 91 -1.51 -5.26 -14.77
C GLY A 91 -1.68 -4.34 -13.57
N ARG A 92 -2.67 -4.62 -12.73
CA ARG A 92 -2.78 -3.94 -11.46
C ARG A 92 -1.84 -4.64 -10.48
N ASN A 93 -0.95 -3.86 -9.87
CA ASN A 93 0.10 -4.42 -9.02
C ASN A 93 0.57 -3.39 -8.00
N TYR A 94 1.58 -3.75 -7.22
CA TYR A 94 2.19 -2.83 -6.26
C TYR A 94 3.27 -1.99 -6.93
N GLY A 95 3.27 -0.68 -6.64
CA GLY A 95 4.33 0.21 -7.08
C GLY A 95 5.63 -0.15 -6.39
N VAL A 96 6.76 0.12 -7.05
CA VAL A 96 8.07 -0.29 -6.55
C VAL A 96 8.49 0.42 -5.26
N VAL A 97 7.87 1.56 -4.96
CA VAL A 97 8.12 2.25 -3.69
C VAL A 97 7.75 1.33 -2.51
N TYR A 98 6.72 0.51 -2.72
CA TYR A 98 6.25 -0.44 -1.71
C TYR A 98 7.24 -1.57 -1.44
N ASP A 99 8.21 -1.78 -2.33
CA ASP A 99 9.29 -2.75 -2.07
C ASP A 99 10.03 -2.44 -0.79
N VAL A 100 10.16 -1.15 -0.46
CA VAL A 100 10.83 -0.73 0.76
C VAL A 100 9.83 -0.39 1.87
N THR A 101 8.79 0.40 1.57
CA THR A 101 7.84 0.82 2.61
C THR A 101 7.01 -0.33 3.18
N SER A 102 6.91 -1.44 2.45
CA SER A 102 6.23 -2.65 2.96
C SER A 102 6.89 -3.20 4.22
N TRP A 103 8.18 -2.91 4.42
CA TRP A 103 8.91 -3.41 5.58
C TRP A 103 8.30 -2.98 6.91
N THR A 104 7.59 -1.85 6.91
CA THR A 104 6.89 -1.38 8.10
C THR A 104 5.38 -1.66 8.07
N ASP A 105 4.88 -2.18 6.95
CA ASP A 105 3.46 -2.51 6.80
C ASP A 105 3.19 -3.94 7.29
N VAL A 106 3.39 -4.15 8.58
CA VAL A 106 3.33 -5.49 9.18
C VAL A 106 2.56 -5.51 10.50
N LEU A 107 1.72 -4.50 10.74
CA LEU A 107 0.97 -4.42 11.99
C LEU A 107 -0.24 -5.34 11.92
N PRO A 108 -0.82 -5.69 13.08
CA PRO A 108 -1.97 -6.60 13.06
C PRO A 108 -3.16 -6.07 12.24
N GLU A 109 -3.46 -4.78 12.38
CA GLU A 109 -4.62 -4.19 11.69
C GLU A 109 -4.32 -2.86 11.01
N PHE A 110 -3.67 -1.95 11.74
CA PHE A 110 -3.42 -0.61 11.23
C PHE A 110 -2.06 -0.53 10.52
N GLY A 111 -1.41 0.64 10.54
CA GLY A 111 -0.14 0.82 9.85
C GLY A 111 -0.28 0.92 8.34
N GLY A 112 0.83 1.19 7.67
CA GLY A 112 0.88 1.24 6.22
C GLY A 112 0.07 2.36 5.58
N ASP A 113 -0.18 3.42 6.35
CA ASP A 113 -1.14 4.46 5.94
C ASP A 113 -0.54 5.89 5.93
N THR A 114 0.75 6.01 5.65
CA THR A 114 1.34 7.31 5.26
C THR A 114 1.19 7.50 3.75
N TYR A 115 0.66 6.48 3.09
CA TYR A 115 0.33 6.48 1.66
C TYR A 115 -0.96 5.67 1.54
N GLY A 116 -1.52 5.60 0.34
CA GLY A 116 -2.74 4.82 0.10
C GLY A 116 -2.71 4.05 -1.20
N SER A 117 -3.85 3.48 -1.56
CA SER A 117 -4.00 2.79 -2.83
C SER A 117 -4.32 3.80 -3.94
N ASP A 118 -3.97 3.45 -5.18
CA ASP A 118 -4.17 4.34 -6.33
C ASP A 118 -3.61 5.73 -6.03
N ASN A 119 -2.39 5.72 -5.50
CA ASN A 119 -1.73 6.92 -5.00
C ASN A 119 -0.39 7.02 -5.70
N PHE A 120 -0.46 7.27 -7.01
CA PHE A 120 0.72 7.25 -7.89
C PHE A 120 1.42 5.88 -7.79
N MET A 121 2.74 5.86 -7.58
CA MET A 121 3.49 4.60 -7.59
C MET A 121 3.85 4.12 -6.18
N GLN A 122 3.07 4.51 -5.18
CA GLN A 122 3.41 4.25 -3.78
C GLN A 122 2.87 2.92 -3.24
N GLN A 123 1.76 2.45 -3.81
CA GLN A 123 1.17 1.18 -3.38
C GLN A 123 0.49 0.53 -4.59
N ARG A 124 -0.72 -0.01 -4.42
CA ARG A 124 -1.44 -0.64 -5.52
C ARG A 124 -2.00 0.40 -6.49
N GLY A 125 -1.95 0.08 -7.78
CA GLY A 125 -2.45 0.98 -8.83
C GLY A 125 -2.56 0.26 -10.16
N ASN A 126 -3.25 0.89 -11.11
CA ASN A 126 -3.47 0.29 -12.43
C ASN A 126 -2.32 0.53 -13.41
N GLY A 127 -2.10 -0.43 -14.30
CA GLY A 127 -1.19 -0.26 -15.43
C GLY A 127 0.29 -0.22 -15.12
N PHE A 128 0.73 -1.01 -14.15
CA PHE A 128 2.15 -1.12 -13.83
C PHE A 128 2.86 -2.12 -14.74
N ALA A 129 3.93 -1.67 -15.39
CA ALA A 129 4.87 -2.54 -16.09
C ALA A 129 6.12 -2.63 -15.23
N THR A 130 6.40 -3.80 -14.68
CA THR A 130 7.41 -3.95 -13.64
C THR A 130 8.46 -5.00 -14.00
N TYR A 131 9.71 -4.56 -14.11
CA TYR A 131 10.85 -5.47 -14.27
C TYR A 131 11.49 -5.71 -12.90
N ARG A 132 11.70 -6.98 -12.56
CA ARG A 132 12.34 -7.33 -11.30
C ARG A 132 13.52 -8.28 -11.51
N ASN A 133 14.57 -8.05 -10.73
CA ASN A 133 15.78 -8.85 -10.80
C ASN A 133 16.17 -9.26 -9.38
N THR A 134 16.32 -10.57 -9.17
CA THR A 134 16.67 -11.10 -7.85
C THR A 134 18.11 -11.62 -7.83
N ASP A 135 18.85 -11.25 -6.79
CA ASP A 135 20.24 -11.65 -6.60
C ASP A 135 21.17 -11.19 -7.73
N PHE A 136 20.88 -9.99 -8.27
CA PHE A 136 21.65 -9.40 -9.37
C PHE A 136 22.10 -10.42 -10.42
N PHE A 137 21.14 -10.93 -11.18
CA PHE A 137 21.38 -11.93 -12.22
C PHE A 137 22.02 -13.21 -11.66
N GLY A 138 21.75 -13.51 -10.40
CA GLY A 138 22.34 -14.65 -9.71
C GLY A 138 23.81 -14.47 -9.32
N LEU A 139 24.31 -13.25 -9.36
CA LEU A 139 25.73 -12.97 -9.11
C LEU A 139 26.01 -12.44 -7.70
N VAL A 140 25.10 -11.62 -7.17
CA VAL A 140 25.24 -11.06 -5.82
C VAL A 140 24.02 -11.45 -4.97
N ASP A 141 24.19 -12.46 -4.12
CA ASP A 141 23.09 -12.93 -3.28
C ASP A 141 22.62 -11.85 -2.30
N GLY A 142 21.31 -11.65 -2.24
CA GLY A 142 20.71 -10.66 -1.37
C GLY A 142 20.48 -9.31 -2.03
N LEU A 143 21.01 -9.13 -3.25
CA LEU A 143 20.88 -7.86 -3.98
C LEU A 143 19.76 -7.94 -5.00
N ASN A 144 18.64 -7.29 -4.69
CA ASN A 144 17.51 -7.19 -5.60
C ASN A 144 17.34 -5.75 -6.10
N PHE A 145 16.78 -5.61 -7.29
CA PHE A 145 16.35 -4.30 -7.76
C PHE A 145 15.14 -4.41 -8.69
N ALA A 146 14.49 -3.27 -8.92
CA ALA A 146 13.29 -3.23 -9.75
C ALA A 146 13.22 -1.91 -10.54
N VAL A 147 12.73 -2.00 -11.78
CA VAL A 147 12.47 -0.83 -12.61
C VAL A 147 11.03 -0.91 -13.10
N GLN A 148 10.29 0.18 -12.94
CA GLN A 148 8.84 0.17 -13.15
C GLN A 148 8.37 1.36 -13.96
N TYR A 149 7.34 1.14 -14.75
CA TYR A 149 6.64 2.20 -15.48
C TYR A 149 5.15 2.09 -15.20
N GLN A 150 4.49 3.23 -15.03
CA GLN A 150 3.04 3.26 -14.88
C GLN A 150 2.45 4.17 -15.94
N GLY A 151 1.55 3.63 -16.76
CA GLY A 151 0.86 4.41 -17.77
C GLY A 151 -0.20 5.31 -17.15
N GLN A 152 -0.55 6.38 -17.86
CA GLN A 152 -1.55 7.32 -17.39
C GLN A 152 -2.90 6.63 -17.09
N ASN A 153 -3.46 6.94 -15.92
CA ASN A 153 -4.84 6.59 -15.59
C ASN A 153 -5.56 7.90 -15.31
N GLY A 154 -6.35 8.36 -16.27
CA GLY A 154 -6.78 9.75 -16.29
C GLY A 154 -8.24 10.01 -16.01
N SER A 155 -8.82 10.94 -16.78
CA SER A 155 -10.16 11.45 -16.54
C SER A 155 -11.22 10.60 -17.23
N VAL A 156 -12.47 10.75 -16.81
CA VAL A 156 -13.60 10.01 -17.40
C VAL A 156 -13.93 10.50 -18.82
N SER A 157 -14.33 9.56 -19.67
CA SER A 157 -14.57 9.83 -21.09
C SER A 157 -16.02 10.21 -21.40
N GLY A 158 -16.93 9.94 -20.48
CA GLY A 158 -18.35 10.22 -20.67
C GLY A 158 -18.68 11.68 -20.43
N GLU A 159 -19.20 12.36 -21.45
CA GLU A 159 -19.49 13.79 -21.39
C GLU A 159 -20.56 14.17 -20.35
N ASN A 160 -21.45 13.25 -20.04
CA ASN A 160 -22.53 13.49 -19.06
C ASN A 160 -22.18 13.07 -17.63
N ASP A 161 -20.97 12.54 -17.43
CA ASP A 161 -20.49 12.19 -16.09
C ASP A 161 -20.23 13.48 -15.32
N PRO A 162 -20.62 13.53 -14.02
CA PRO A 162 -20.41 14.76 -13.24
C PRO A 162 -18.94 15.15 -13.04
N ASP A 163 -18.04 14.16 -13.06
CA ASP A 163 -16.61 14.41 -12.93
C ASP A 163 -15.90 14.74 -14.26
N PHE A 164 -16.67 14.85 -15.34
CA PHE A 164 -16.10 15.08 -16.68
C PHE A 164 -15.47 16.46 -16.79
N THR A 165 -14.28 16.51 -17.38
CA THR A 165 -13.56 17.76 -17.64
C THR A 165 -13.13 17.92 -19.11
N GLY A 166 -12.83 16.80 -19.77
CA GLY A 166 -12.37 16.81 -21.16
C GLY A 166 -10.86 16.77 -21.31
N HIS A 167 -10.13 16.82 -20.19
CA HIS A 167 -8.66 16.83 -20.20
C HIS A 167 -8.08 15.54 -19.63
N GLY A 168 -7.10 14.98 -20.32
CA GLY A 168 -6.39 13.78 -19.85
C GLY A 168 -7.25 12.56 -19.74
N ILE A 169 -8.20 12.42 -20.67
CA ILE A 169 -9.12 11.28 -20.67
C ILE A 169 -8.39 9.98 -21.01
N THR A 170 -8.70 8.92 -20.26
CA THR A 170 -8.32 7.56 -20.63
C THR A 170 -9.58 6.70 -20.53
N ASN A 171 -9.49 5.46 -20.99
CA ASN A 171 -10.66 4.56 -21.00
C ASN A 171 -11.15 4.28 -19.58
N ASN A 172 -10.21 4.17 -18.65
CA ASN A 172 -10.48 3.73 -17.28
C ASN A 172 -10.48 4.90 -16.31
N GLY A 173 -11.20 5.96 -16.67
CA GLY A 173 -11.17 7.20 -15.92
C GLY A 173 -11.64 7.08 -14.47
N ARG A 174 -11.21 8.01 -13.64
CA ARG A 174 -11.60 8.06 -12.23
C ARG A 174 -11.34 9.45 -11.66
N LYS A 175 -11.69 9.64 -10.39
CA LYS A 175 -11.53 10.95 -9.74
C LYS A 175 -10.07 11.36 -9.62
N ALA A 176 -9.83 12.66 -9.64
CA ALA A 176 -8.48 13.23 -9.64
C ALA A 176 -7.56 12.63 -8.57
N LEU A 177 -8.09 12.42 -7.37
CA LEU A 177 -7.30 11.89 -6.26
C LEU A 177 -6.71 10.51 -6.53
N ARG A 178 -7.32 9.76 -7.45
CA ARG A 178 -6.84 8.42 -7.81
C ARG A 178 -6.36 8.33 -9.27
N GLN A 179 -6.17 9.49 -9.90
CA GLN A 179 -5.57 9.57 -11.22
C GLN A 179 -4.05 9.59 -11.14
N ASN A 180 -3.40 9.43 -12.29
CA ASN A 180 -1.96 9.60 -12.42
C ASN A 180 -1.56 9.76 -13.88
N GLY A 181 -0.51 10.53 -14.14
CA GLY A 181 0.10 10.60 -15.47
C GLY A 181 1.13 9.51 -15.63
N ASP A 182 1.89 9.56 -16.72
CA ASP A 182 2.97 8.60 -16.95
C ASP A 182 4.00 8.71 -15.82
N GLY A 183 4.43 7.56 -15.31
CA GLY A 183 5.36 7.53 -14.18
C GLY A 183 6.45 6.49 -14.33
N VAL A 184 7.60 6.77 -13.71
CA VAL A 184 8.74 5.86 -13.69
C VAL A 184 9.28 5.76 -12.28
N GLY A 185 9.70 4.56 -11.89
CA GLY A 185 10.24 4.35 -10.56
C GLY A 185 11.22 3.19 -10.51
N GLY A 186 11.97 3.12 -9.42
CA GLY A 186 12.93 2.06 -9.21
C GLY A 186 13.20 1.82 -7.74
N SER A 187 13.58 0.59 -7.41
CA SER A 187 13.96 0.24 -6.04
C SER A 187 15.20 -0.64 -6.05
N ILE A 188 15.94 -0.57 -4.94
CA ILE A 188 17.12 -1.40 -4.73
C ILE A 188 17.08 -1.85 -3.27
N THR A 189 17.28 -3.14 -3.03
CA THR A 189 17.33 -3.69 -1.69
C THR A 189 18.51 -4.65 -1.55
N TYR A 190 19.14 -4.65 -0.38
CA TYR A 190 20.22 -5.58 -0.08
C TYR A 190 19.99 -6.23 1.27
N ASP A 191 19.91 -7.56 1.29
CA ASP A 191 19.77 -8.35 2.52
C ASP A 191 21.07 -9.08 2.81
N TYR A 192 21.47 -9.13 4.07
CA TYR A 192 22.67 -9.85 4.49
C TYR A 192 22.58 -10.22 5.97
N GLU A 193 22.55 -11.52 6.25
CA GLU A 193 22.52 -12.06 7.62
C GLU A 193 21.49 -11.37 8.51
N GLY A 194 20.24 -11.34 8.04
CA GLY A 194 19.14 -10.77 8.81
C GLY A 194 18.91 -9.28 8.59
N PHE A 195 19.99 -8.52 8.43
CA PHE A 195 19.90 -7.08 8.19
C PHE A 195 19.46 -6.80 6.76
N GLY A 196 18.76 -5.69 6.57
CA GLY A 196 18.33 -5.25 5.24
C GLY A 196 18.39 -3.74 5.09
N VAL A 197 18.78 -3.28 3.90
CA VAL A 197 18.80 -1.86 3.56
CA VAL A 197 18.78 -1.87 3.57
C VAL A 197 18.13 -1.67 2.20
N GLY A 198 17.32 -0.61 2.08
CA GLY A 198 16.60 -0.36 0.84
C GLY A 198 16.42 1.10 0.49
N ALA A 199 16.41 1.38 -0.81
CA ALA A 199 16.10 2.71 -1.34
C ALA A 199 15.15 2.57 -2.53
N ALA A 200 14.24 3.55 -2.67
CA ALA A 200 13.31 3.57 -3.80
C ALA A 200 12.96 4.99 -4.19
N VAL A 201 12.77 5.21 -5.49
CA VAL A 201 12.45 6.53 -6.04
C VAL A 201 11.37 6.40 -7.10
N SER A 202 10.41 7.33 -7.10
CA SER A 202 9.38 7.37 -8.14
C SER A 202 9.09 8.80 -8.57
N SER A 203 8.81 8.98 -9.86
CA SER A 203 8.46 10.27 -10.42
C SER A 203 7.31 10.08 -11.41
N SER A 204 6.15 10.67 -11.08
CA SER A 204 4.95 10.54 -11.88
C SER A 204 4.52 11.91 -12.39
N LYS A 205 4.08 11.95 -13.64
CA LYS A 205 3.48 13.16 -14.19
C LYS A 205 2.09 13.29 -13.57
N ARG A 206 1.68 14.51 -13.26
CA ARG A 206 0.36 14.76 -12.70
C ARG A 206 -0.60 15.20 -13.81
N THR A 207 -1.85 14.76 -13.72
CA THR A 207 -2.82 15.01 -14.78
C THR A 207 -3.43 16.41 -14.67
N TRP A 208 -4.19 16.79 -15.69
CA TRP A 208 -4.84 18.11 -15.73
C TRP A 208 -5.86 18.27 -14.60
N ASP A 209 -6.68 17.24 -14.40
CA ASP A 209 -7.70 17.24 -13.34
C ASP A 209 -7.09 17.45 -11.96
N GLN A 210 -5.93 16.82 -11.75
CA GLN A 210 -5.23 16.91 -10.48
C GLN A 210 -4.75 18.33 -10.16
N ASN A 211 -4.47 19.13 -11.20
CA ASN A 211 -3.94 20.48 -11.04
C ASN A 211 -4.93 21.60 -11.34
N ASN A 212 -6.18 21.27 -11.71
CA ASN A 212 -7.16 22.27 -12.11
C ASN A 212 -8.59 22.07 -11.59
N THR A 213 -8.77 21.23 -10.56
CA THR A 213 -10.10 21.02 -9.97
C THR A 213 -10.18 21.50 -8.52
N GLY A 214 -9.37 22.49 -8.15
CA GLY A 214 -9.42 23.11 -6.83
C GLY A 214 -8.77 22.30 -5.71
N LEU A 215 -7.98 21.29 -6.05
CA LEU A 215 -7.29 20.47 -5.07
C LEU A 215 -5.96 21.13 -4.69
N ILE A 216 -5.53 20.94 -3.44
CA ILE A 216 -4.25 21.49 -2.96
C ILE A 216 -3.10 20.59 -3.40
N GLY A 217 -1.89 21.15 -3.40
CA GLY A 217 -0.68 20.40 -3.76
C GLY A 217 -0.53 20.21 -5.26
N THR A 218 -0.64 21.29 -6.01
CA THR A 218 -0.55 21.23 -7.46
C THR A 218 0.91 21.34 -7.92
N GLY A 219 1.18 20.86 -9.12
CA GLY A 219 2.52 20.88 -9.70
C GLY A 219 2.65 19.95 -10.90
N ASP A 220 3.78 20.07 -11.59
CA ASP A 220 4.02 19.26 -12.78
C ASP A 220 4.12 17.76 -12.47
N ARG A 221 4.81 17.42 -11.38
CA ARG A 221 5.09 16.02 -11.06
C ARG A 221 4.85 15.65 -9.59
N ALA A 222 4.60 14.36 -9.36
CA ALA A 222 4.53 13.80 -8.02
C ALA A 222 5.76 12.92 -7.81
N GLU A 223 6.52 13.20 -6.76
CA GLU A 223 7.80 12.52 -6.53
C GLU A 223 7.88 11.91 -5.13
N THR A 224 8.56 10.77 -5.02
CA THR A 224 8.82 10.12 -3.74
C THR A 224 10.27 9.64 -3.66
N TYR A 225 10.87 9.77 -2.49
CA TYR A 225 12.22 9.31 -2.21
C TYR A 225 12.19 8.54 -0.89
N THR A 226 12.48 7.24 -0.94
CA THR A 226 12.32 6.37 0.22
C THR A 226 13.64 5.68 0.60
N GLY A 227 13.91 5.65 1.90
CA GLY A 227 15.03 4.90 2.44
C GLY A 227 14.50 3.98 3.54
N GLY A 228 15.06 2.78 3.65
CA GLY A 228 14.56 1.79 4.60
C GLY A 228 15.63 0.93 5.22
N LEU A 229 15.38 0.51 6.45
CA LEU A 229 16.27 -0.37 7.21
C LEU A 229 15.44 -1.44 7.91
N LYS A 230 16.00 -2.64 8.05
CA LYS A 230 15.31 -3.69 8.81
C LYS A 230 16.25 -4.78 9.34
N TYR A 231 15.79 -5.46 10.38
CA TYR A 231 16.45 -6.67 10.89
C TYR A 231 15.36 -7.72 11.06
N ASP A 232 15.56 -8.89 10.43
CA ASP A 232 14.57 -9.97 10.45
C ASP A 232 15.28 -11.30 10.70
N ALA A 233 15.51 -11.61 11.98
CA ALA A 233 16.19 -12.84 12.38
C ALA A 233 16.03 -13.10 13.87
N ASN A 234 16.24 -14.37 14.26
CA ASN A 234 16.13 -14.80 15.66
C ASN A 234 14.79 -14.45 16.30
N ASN A 235 13.72 -14.56 15.51
CA ASN A 235 12.34 -14.25 15.94
C ASN A 235 12.08 -12.76 16.24
N ILE A 236 13.07 -11.91 15.96
CA ILE A 236 12.95 -10.47 16.16
C ILE A 236 12.70 -9.82 14.80
N TYR A 237 11.75 -8.89 14.76
CA TYR A 237 11.54 -8.08 13.56
C TYR A 237 11.55 -6.59 13.90
N LEU A 238 12.58 -5.89 13.42
CA LEU A 238 12.67 -4.44 13.53
C LEU A 238 12.71 -3.85 12.12
N ALA A 239 12.05 -2.72 11.92
CA ALA A 239 12.07 -2.04 10.62
C ALA A 239 11.72 -0.57 10.75
N ALA A 240 12.31 0.24 9.85
CA ALA A 240 12.03 1.65 9.77
C ALA A 240 12.12 2.12 8.32
N GLN A 241 11.23 3.04 7.93
CA GLN A 241 11.25 3.62 6.59
C GLN A 241 11.06 5.14 6.66
N TYR A 242 11.81 5.87 5.86
CA TYR A 242 11.64 7.31 5.75
C TYR A 242 11.39 7.69 4.29
N THR A 243 10.27 8.35 4.05
CA THR A 243 9.90 8.79 2.71
C THR A 243 9.64 10.29 2.69
N GLN A 244 10.21 10.96 1.71
CA GLN A 244 9.99 12.38 1.49
C GLN A 244 9.25 12.49 0.15
N THR A 245 8.09 13.14 0.16
CA THR A 245 7.23 13.20 -1.03
C THR A 245 6.96 14.63 -1.46
N TYR A 246 6.68 14.80 -2.74
CA TYR A 246 6.31 16.10 -3.31
C TYR A 246 5.07 15.93 -4.18
N ASN A 247 3.99 16.60 -3.79
CA ASN A 247 2.71 16.51 -4.50
C ASN A 247 2.18 15.08 -4.65
N ALA A 248 2.48 14.23 -3.67
CA ALA A 248 2.19 12.80 -3.75
C ALA A 248 1.40 12.25 -2.55
N THR A 249 1.55 12.87 -1.38
CA THR A 249 0.86 12.43 -0.18
C THR A 249 -0.51 13.10 -0.08
N ARG A 250 -1.57 12.30 -0.09
CA ARG A 250 -2.93 12.82 -0.01
C ARG A 250 -3.21 13.41 1.38
N VAL A 251 -3.75 14.62 1.40
CA VAL A 251 -4.24 15.24 2.63
C VAL A 251 -5.76 15.06 2.64
N GLY A 252 -6.20 13.92 3.18
CA GLY A 252 -7.61 13.55 3.17
C GLY A 252 -8.18 13.57 1.76
N SER A 253 -9.27 14.30 1.59
CA SER A 253 -9.90 14.46 0.28
C SER A 253 -9.68 15.87 -0.29
N LEU A 254 -8.72 16.60 0.26
CA LEU A 254 -8.49 18.00 -0.13
C LEU A 254 -7.48 18.16 -1.26
N GLY A 255 -6.67 17.13 -1.47
CA GLY A 255 -5.60 17.17 -2.46
C GLY A 255 -4.35 16.53 -1.89
N TRP A 256 -3.20 17.14 -2.15
CA TRP A 256 -1.93 16.58 -1.73
C TRP A 256 -1.10 17.60 -0.95
N ALA A 257 -0.13 17.10 -0.19
CA ALA A 257 0.84 17.96 0.47
C ALA A 257 1.86 18.43 -0.56
N ASN A 258 2.11 19.74 -0.61
CA ASN A 258 3.20 20.29 -1.44
C ASN A 258 4.48 19.50 -1.18
N LYS A 259 4.76 19.28 0.11
CA LYS A 259 5.85 18.43 0.55
C LYS A 259 5.41 17.68 1.80
N ALA A 260 5.88 16.45 1.95
CA ALA A 260 5.59 15.65 3.14
C ALA A 260 6.80 14.82 3.57
N GLN A 261 7.01 14.72 4.88
CA GLN A 261 8.05 13.86 5.45
C GLN A 261 7.39 12.75 6.26
N ASN A 262 7.47 11.53 5.75
CA ASN A 262 6.83 10.38 6.37
C ASN A 262 7.84 9.47 7.06
N PHE A 263 7.47 8.96 8.23
CA PHE A 263 8.32 8.07 9.02
C PHE A 263 7.47 6.98 9.65
N GLU A 264 7.91 5.74 9.50
CA GLU A 264 7.29 4.59 10.16
C GLU A 264 8.38 3.73 10.79
N ALA A 265 8.14 3.25 12.00
CA ALA A 265 9.06 2.34 12.68
C ALA A 265 8.27 1.29 13.45
N VAL A 266 8.75 0.05 13.45
CA VAL A 266 8.05 -1.06 14.10
C VAL A 266 9.03 -2.02 14.76
N ALA A 267 8.66 -2.53 15.93
CA ALA A 267 9.40 -3.58 16.61
C ALA A 267 8.44 -4.72 16.96
N GLN A 268 8.81 -5.94 16.58
CA GLN A 268 8.00 -7.11 16.87
C GLN A 268 8.88 -8.28 17.31
N TYR A 269 8.33 -9.13 18.17
CA TYR A 269 8.98 -10.39 18.55
C TYR A 269 7.96 -11.52 18.38
N GLN A 270 8.45 -12.69 17.97
CA GLN A 270 7.60 -13.86 17.77
C GLN A 270 7.96 -14.96 18.76
N PHE A 271 7.11 -15.16 19.77
CA PHE A 271 7.28 -16.28 20.70
C PHE A 271 6.92 -17.58 19.98
N ASP A 272 7.59 -18.67 20.35
CA ASP A 272 7.31 -19.98 19.77
C ASP A 272 5.92 -20.50 20.12
N PHE A 273 5.39 -20.10 21.28
CA PHE A 273 4.07 -20.56 21.73
C PHE A 273 2.90 -19.92 20.97
N GLY A 274 3.18 -18.88 20.18
CA GLY A 274 2.21 -18.34 19.24
C GLY A 274 1.98 -16.85 19.28
N LEU A 275 2.33 -16.21 20.39
CA LEU A 275 2.10 -14.78 20.59
C LEU A 275 3.15 -13.94 19.86
N ARG A 276 2.70 -12.82 19.31
CA ARG A 276 3.57 -11.90 18.56
C ARG A 276 3.24 -10.44 18.91
N PRO A 277 3.85 -9.90 19.98
CA PRO A 277 3.60 -8.50 20.32
C PRO A 277 4.14 -7.54 19.27
N SER A 278 3.51 -6.37 19.17
CA SER A 278 3.87 -5.37 18.17
C SER A 278 3.77 -3.96 18.74
N VAL A 279 4.81 -3.17 18.54
CA VAL A 279 4.82 -1.75 18.90
C VAL A 279 5.33 -0.97 17.68
N ALA A 280 4.66 0.15 17.39
CA ALA A 280 4.99 0.92 16.19
C ALA A 280 4.70 2.40 16.37
N TYR A 281 5.39 3.21 15.56
CA TYR A 281 5.15 4.66 15.50
C TYR A 281 5.08 5.10 14.03
N LEU A 282 4.06 5.89 13.71
CA LEU A 282 3.89 6.41 12.36
C LEU A 282 3.62 7.91 12.42
N GLN A 283 4.25 8.66 11.52
CA GLN A 283 3.94 10.08 11.37
C GLN A 283 4.12 10.55 9.92
N SER A 284 3.23 11.45 9.51
CA SER A 284 3.36 12.15 8.24
C SER A 284 3.28 13.64 8.52
N LYS A 285 4.39 14.34 8.30
CA LYS A 285 4.47 15.77 8.55
C LYS A 285 4.45 16.55 7.24
N GLY A 286 3.34 17.26 6.99
CA GLY A 286 3.24 18.12 5.81
C GLY A 286 4.06 19.38 5.98
N LYS A 287 4.72 19.81 4.91
CA LYS A 287 5.57 21.00 4.94
C LYS A 287 5.10 22.03 3.93
N ASN A 288 4.98 23.29 4.38
CA ASN A 288 4.58 24.40 3.51
C ASN A 288 3.33 24.06 2.69
N LEU A 289 2.27 23.67 3.39
CA LEU A 289 1.05 23.19 2.76
C LEU A 289 0.26 24.30 2.06
N GLY A 290 0.43 25.54 2.53
CA GLY A 290 -0.26 26.67 1.93
C GLY A 290 -1.73 26.75 2.35
N VAL A 291 -2.57 27.24 1.44
CA VAL A 291 -3.98 27.45 1.71
C VAL A 291 -4.74 26.13 1.68
N VAL A 292 -5.43 25.83 2.78
CA VAL A 292 -6.25 24.61 2.88
C VAL A 292 -7.59 24.94 3.51
N ALA A 293 -8.66 24.82 2.72
CA ALA A 293 -10.03 25.06 3.19
C ALA A 293 -10.17 26.40 3.92
N GLY A 294 -9.75 27.46 3.25
CA GLY A 294 -9.95 28.84 3.73
C GLY A 294 -8.91 29.41 4.68
N ARG A 295 -7.95 28.59 5.11
CA ARG A 295 -6.90 29.05 6.03
C ARG A 295 -5.51 28.74 5.49
N ASN A 296 -4.55 29.59 5.83
CA ASN A 296 -3.15 29.41 5.44
C ASN A 296 -2.40 28.57 6.45
N TYR A 297 -1.66 27.57 5.97
CA TYR A 297 -0.86 26.68 6.80
C TYR A 297 0.58 26.63 6.30
N ASP A 298 1.50 26.32 7.22
CA ASP A 298 2.88 25.99 6.87
C ASP A 298 3.09 24.50 7.16
N ASP A 299 3.50 24.16 8.38
CA ASP A 299 3.71 22.76 8.77
C ASP A 299 2.52 22.23 9.56
N GLU A 300 2.02 21.06 9.20
CA GLU A 300 0.91 20.41 9.91
C GLU A 300 1.03 18.89 9.83
N ASP A 301 0.66 18.22 10.93
CA ASP A 301 0.62 16.77 10.95
C ASP A 301 -0.57 16.26 10.14
N ILE A 302 -0.27 15.36 9.21
CA ILE A 302 -1.27 14.66 8.39
C ILE A 302 -1.65 13.34 9.07
N LEU A 303 -0.64 12.72 9.70
CA LEU A 303 -0.80 11.47 10.42
C LEU A 303 0.18 11.45 11.58
N LYS A 304 -0.24 10.93 12.73
CA LYS A 304 0.65 10.79 13.87
C LYS A 304 0.03 9.87 14.92
N TYR A 305 0.56 8.65 15.02
CA TYR A 305 0.08 7.74 16.06
C TYR A 305 1.09 6.68 16.48
N VAL A 306 0.90 6.19 17.71
CA VAL A 306 1.63 5.03 18.22
C VAL A 306 0.67 3.85 18.12
N ASP A 307 1.20 2.70 17.68
CA ASP A 307 0.39 1.50 17.52
C ASP A 307 0.92 0.39 18.44
N VAL A 308 0.08 -0.07 19.35
CA VAL A 308 0.39 -1.16 20.25
C VAL A 308 -0.58 -2.30 19.99
N GLY A 309 -0.08 -3.53 19.89
CA GLY A 309 -0.94 -4.66 19.59
C GLY A 309 -0.26 -6.02 19.69
N ALA A 310 -1.01 -7.05 19.33
CA ALA A 310 -0.52 -8.42 19.40
C ALA A 310 -1.35 -9.36 18.54
N THR A 311 -0.67 -10.32 17.91
CA THR A 311 -1.33 -11.40 17.19
C THR A 311 -0.97 -12.72 17.86
N TYR A 312 -1.97 -13.56 18.10
CA TYR A 312 -1.74 -14.94 18.54
C TYR A 312 -2.06 -15.89 17.39
N TYR A 313 -1.09 -16.71 17.02
CA TYR A 313 -1.26 -17.69 15.95
C TYR A 313 -1.55 -19.07 16.52
N PHE A 314 -2.79 -19.54 16.34
CA PHE A 314 -3.15 -20.91 16.70
C PHE A 314 -2.36 -21.88 15.85
N ASN A 315 -2.35 -21.62 14.55
CA ASN A 315 -1.46 -22.28 13.60
C ASN A 315 -1.37 -21.41 12.34
N LYS A 316 -0.89 -21.96 11.22
CA LYS A 316 -0.75 -21.19 9.97
C LYS A 316 -2.09 -20.87 9.26
N ASN A 317 -3.19 -21.44 9.75
CA ASN A 317 -4.51 -21.24 9.16
C ASN A 317 -5.48 -20.45 10.03
N MET A 318 -5.13 -20.21 11.29
CA MET A 318 -6.02 -19.56 12.23
C MET A 318 -5.24 -18.67 13.20
N SER A 319 -5.75 -17.45 13.41
CA SER A 319 -5.12 -16.50 14.32
C SER A 319 -6.14 -15.51 14.86
N THR A 320 -5.74 -14.79 15.91
CA THR A 320 -6.56 -13.75 16.49
C THR A 320 -5.65 -12.60 16.89
N TYR A 321 -6.18 -11.37 16.86
CA TYR A 321 -5.36 -10.22 17.22
C TYR A 321 -6.11 -9.09 17.89
N VAL A 322 -5.35 -8.28 18.62
CA VAL A 322 -5.84 -6.99 19.11
C VAL A 322 -4.86 -5.94 18.60
N ASP A 323 -5.40 -4.81 18.14
CA ASP A 323 -4.56 -3.69 17.71
C ASP A 323 -5.12 -2.39 18.24
N TYR A 324 -4.24 -1.56 18.79
CA TYR A 324 -4.63 -0.34 19.49
C TYR A 324 -3.92 0.86 18.88
N LYS A 325 -4.66 1.64 18.09
CA LYS A 325 -4.16 2.88 17.53
C LYS A 325 -4.29 4.00 18.56
N ILE A 326 -3.17 4.44 19.11
CA ILE A 326 -3.14 5.57 20.03
C ILE A 326 -2.85 6.83 19.21
N ASN A 327 -3.91 7.55 18.88
CA ASN A 327 -3.84 8.67 17.94
C ASN A 327 -3.31 9.95 18.61
N LEU A 328 -2.26 10.52 18.04
CA LEU A 328 -1.60 11.70 18.63
C LEU A 328 -1.93 13.00 17.90
N LEU A 329 -2.73 12.93 16.82
CA LEU A 329 -3.24 14.12 16.18
C LEU A 329 -4.25 14.81 17.09
N ASP A 330 -4.24 16.13 17.09
CA ASP A 330 -5.25 16.91 17.79
C ASP A 330 -6.44 17.17 16.86
N ASP A 331 -7.62 17.29 17.44
CA ASP A 331 -8.82 17.66 16.71
C ASP A 331 -8.78 19.17 16.46
N ASN A 332 -8.51 19.55 15.20
CA ASN A 332 -8.42 20.96 14.81
C ASN A 332 -9.07 21.22 13.46
N GLN A 333 -9.05 22.47 13.01
CA GLN A 333 -9.69 22.87 11.75
C GLN A 333 -9.06 22.17 10.53
N PHE A 334 -7.76 21.92 10.58
CA PHE A 334 -7.05 21.22 9.51
C PHE A 334 -7.55 19.78 9.37
N THR A 335 -7.56 19.05 10.49
CA THR A 335 -7.95 17.64 10.49
C THR A 335 -9.43 17.45 10.16
N ARG A 336 -10.28 18.35 10.65
CA ARG A 336 -11.71 18.31 10.34
C ARG A 336 -12.00 18.62 8.86
N ALA A 337 -11.29 19.60 8.31
CA ALA A 337 -11.42 19.95 6.90
C ALA A 337 -10.98 18.79 5.99
N ALA A 338 -9.89 18.13 6.36
CA ALA A 338 -9.38 16.97 5.61
C ALA A 338 -10.18 15.69 5.88
N GLY A 339 -10.89 15.64 7.00
CA GLY A 339 -11.64 14.44 7.39
C GLY A 339 -10.73 13.32 7.87
N ILE A 340 -9.65 13.69 8.56
CA ILE A 340 -8.66 12.72 9.06
C ILE A 340 -9.07 12.25 10.45
N ASN A 341 -9.05 10.93 10.65
CA ASN A 341 -9.33 10.32 11.96
C ASN A 341 -8.33 10.82 13.00
N THR A 342 -8.85 11.38 14.09
CA THR A 342 -8.01 11.87 15.20
C THR A 342 -8.28 11.17 16.54
N ASP A 343 -9.25 10.26 16.57
CA ASP A 343 -9.59 9.49 17.77
C ASP A 343 -8.81 8.18 17.82
N ASP A 344 -8.75 7.57 19.01
CA ASP A 344 -8.15 6.25 19.17
C ASP A 344 -9.05 5.17 18.58
N ILE A 345 -8.44 4.09 18.10
CA ILE A 345 -9.18 2.93 17.61
C ILE A 345 -8.62 1.64 18.20
N VAL A 346 -9.52 0.81 18.73
CA VAL A 346 -9.17 -0.54 19.12
C VAL A 346 -9.79 -1.51 18.11
N ALA A 347 -8.99 -2.46 17.63
CA ALA A 347 -9.46 -3.48 16.69
C ALA A 347 -9.33 -4.87 17.30
N LEU A 348 -10.39 -5.68 17.20
CA LEU A 348 -10.35 -7.09 17.59
C LEU A 348 -10.63 -7.94 16.35
N GLY A 349 -9.75 -8.89 16.08
CA GLY A 349 -9.84 -9.71 14.88
C GLY A 349 -9.74 -11.20 15.15
N LEU A 350 -10.53 -11.97 14.41
CA LEU A 350 -10.40 -13.43 14.37
C LEU A 350 -10.31 -13.82 12.90
N VAL A 351 -9.22 -14.48 12.51
CA VAL A 351 -8.91 -14.72 11.10
C VAL A 351 -8.72 -16.20 10.77
N TYR A 352 -9.55 -16.71 9.86
CA TYR A 352 -9.29 -18.00 9.21
C TYR A 352 -8.71 -17.71 7.82
N GLN A 353 -7.65 -18.44 7.47
CA GLN A 353 -7.07 -18.32 6.13
C GLN A 353 -6.65 -19.68 5.58
N PHE A 354 -6.63 -19.78 4.26
CA PHE A 354 -6.24 -21.00 3.56
C PHE A 354 -5.36 -20.66 2.36
C1 D10 B . 10.69 -10.20 24.07
C2 D10 B . 11.27 -11.21 25.05
C3 D10 B . 11.95 -12.36 24.32
C4 D10 B . 12.42 -13.47 25.25
C5 D10 B . 12.94 -14.64 24.43
C6 D10 B . 13.27 -15.86 25.31
C7 D10 B . 14.15 -16.83 24.53
C8 D10 B . 14.11 -18.24 25.12
C9 D10 B . 14.76 -19.27 24.21
C10 D10 B . 16.27 -19.13 24.19
C1 HEX C . -9.14 2.91 26.22
C2 HEX C . -8.96 1.42 26.38
C3 HEX C . -7.97 0.87 25.37
C4 HEX C . -7.73 -0.63 25.59
C5 HEX C . -7.25 -1.32 24.32
C6 HEX C . -6.53 -2.61 24.63
C1 D10 D . 2.29 3.39 -22.28
C2 D10 D . 2.75 2.18 -21.51
C3 D10 D . 2.52 0.89 -22.28
C4 D10 D . 2.53 -0.31 -21.34
C5 D10 D . 2.75 -1.61 -22.11
C6 D10 D . 2.25 -2.81 -21.33
C7 D10 D . 2.42 -4.11 -22.13
C8 D10 D . 1.69 -5.26 -21.48
C9 D10 D . 1.52 -6.43 -22.45
C10 D10 D . 2.86 -7.01 -22.85
#